data_5OB5
#
_entry.id   5OB5
#
_cell.length_a   155.190
_cell.length_b   60.210
_cell.length_c   68.250
_cell.angle_alpha   90.00
_cell.angle_beta   110.44
_cell.angle_gamma   90.00
#
_symmetry.space_group_name_H-M   'C 1 2 1'
#
loop_
_entity.id
_entity.type
_entity.pdbx_description
1 polymer 'C-X-C motif chemokine 2'
2 polymer 'fAb Heavy chain'
3 polymer 'fAb Light chain'
4 non-polymer GLYCEROL
5 non-polymer 'SULFATE ION'
6 water water
#
loop_
_entity_poly.entity_id
_entity_poly.type
_entity_poly.pdbx_seq_one_letter_code
_entity_poly.pdbx_strand_id
1 'polypeptide(L)' ELRCQCLQTLQGIHLKNIQSVKVKSPGPHCAQTEVIATLKNGQKACLNPASPMVKKIIEKMLK A
2 'polypeptide(L)'
;QVQLVQSGAEVKKPGASVKVSCKASGYTFTNYWIVWVRQAPGQGLEWMGDLYSGGGYTFYSENFKGRVTMTRDTSTSTVY
MELSSLRSEDTAVYYCARSGYDRTWFAHWGQGTLVTVSSASTKGPSVFPLAPSSKSTSGGTAALGCLVKDYFPEPVTVSW
NSGALTSGVHTFPAVLQSSGLYSLSSVVTVPSSSLGTQTYICNVNHKPSNTKVDKKVEPK
;
H
3 'polypeptide(L)'
;DIQMTQSPSSLSASVGDRVTITCQASQDIESYLSWYQQKPGKAPKLLIYYATRLADGVPSRFSGSGSGQDYTLTISSLQP
EDFATYYCLQHGESPPTFGQGTKLEIKRTVAAPSVFIFPPSDEQLKSGTASVVCLLNNFYPREAKVQWKVDNALQSGNSQ
ESVTEQDSKDSTYSLSSTLTLSKADYEKHKVYACEVTHQGLSSPVTKSFNRGE
;
L
#
loop_
_chem_comp.id
_chem_comp.type
_chem_comp.name
_chem_comp.formula
GOL non-polymer GLYCEROL 'C3 H8 O3'
SO4 non-polymer 'SULFATE ION' 'O4 S -2'
#
# COMPACT_ATOMS: atom_id res chain seq x y z
N GLU A 1 16.29 -24.03 -16.81
CA GLU A 1 15.78 -23.09 -15.80
C GLU A 1 14.68 -22.25 -16.39
N LEU A 2 13.65 -21.95 -15.58
CA LEU A 2 12.56 -21.11 -16.04
C LEU A 2 12.88 -19.65 -15.80
N ARG A 3 13.89 -19.15 -16.52
CA ARG A 3 14.26 -17.74 -16.37
C ARG A 3 15.02 -17.28 -17.59
N CYS A 4 15.11 -15.97 -17.81
CA CYS A 4 15.92 -15.44 -18.92
C CYS A 4 17.38 -15.71 -18.58
N GLN A 5 18.14 -16.19 -19.55
CA GLN A 5 19.56 -16.52 -19.34
C GLN A 5 20.46 -15.33 -19.56
N CYS A 6 20.01 -14.35 -20.34
CA CYS A 6 20.83 -13.21 -20.74
C CYS A 6 20.44 -11.95 -20.05
N LEU A 7 21.17 -11.60 -19.00
CA LEU A 7 20.85 -10.39 -18.26
C LEU A 7 21.38 -9.13 -18.94
N GLN A 8 22.33 -9.33 -19.87
CA GLN A 8 22.92 -8.33 -20.75
C GLN A 8 23.48 -9.00 -21.97
N THR A 9 23.61 -8.22 -23.06
CA THR A 9 24.08 -8.77 -24.32
C THR A 9 25.44 -8.20 -24.61
N LEU A 10 26.28 -8.98 -25.30
CA LEU A 10 27.67 -8.62 -25.59
C LEU A 10 27.88 -8.11 -26.99
N GLN A 11 28.85 -7.18 -27.17
CA GLN A 11 29.25 -6.62 -28.46
C GLN A 11 30.59 -7.23 -28.91
N GLY A 12 30.96 -7.03 -30.17
CA GLY A 12 32.23 -7.50 -30.73
C GLY A 12 32.41 -8.98 -30.93
N ILE A 13 31.29 -9.74 -31.01
CA ILE A 13 31.34 -11.18 -31.25
C ILE A 13 31.42 -11.37 -32.76
N HIS A 14 32.45 -12.07 -33.22
CA HIS A 14 32.68 -12.27 -34.65
C HIS A 14 32.25 -13.64 -35.11
N LEU A 15 31.79 -13.73 -36.37
CA LEU A 15 31.34 -14.98 -37.00
C LEU A 15 32.40 -16.08 -36.90
N LYS A 16 33.67 -15.72 -37.15
CA LYS A 16 34.80 -16.67 -37.13
C LYS A 16 35.01 -17.36 -35.77
N ASN A 17 34.52 -16.74 -34.67
CA ASN A 17 34.68 -17.30 -33.33
C ASN A 17 33.52 -18.17 -32.93
N ILE A 18 32.42 -18.15 -33.73
CA ILE A 18 31.19 -18.85 -33.38
C ILE A 18 31.16 -20.29 -33.86
N GLN A 19 30.89 -21.22 -32.93
CA GLN A 19 30.69 -22.64 -33.21
C GLN A 19 29.18 -22.84 -33.50
N SER A 20 28.29 -22.28 -32.65
CA SER A 20 26.88 -22.44 -32.87
C SER A 20 26.11 -21.27 -32.29
N VAL A 21 24.86 -21.07 -32.73
CA VAL A 21 24.01 -20.00 -32.18
C VAL A 21 22.67 -20.66 -31.85
N LYS A 22 22.15 -20.41 -30.65
CA LYS A 22 20.84 -20.91 -30.25
C LYS A 22 19.90 -19.71 -30.16
N VAL A 23 18.77 -19.78 -30.86
CA VAL A 23 17.74 -18.73 -30.84
C VAL A 23 16.58 -19.34 -30.09
N LYS A 24 16.17 -18.70 -28.97
CA LYS A 24 15.07 -19.24 -28.20
C LYS A 24 13.95 -18.24 -28.23
N SER A 25 12.78 -18.66 -28.70
CA SER A 25 11.62 -17.81 -28.83
C SER A 25 11.00 -17.56 -27.46
N PRO A 26 10.12 -16.54 -27.35
CA PRO A 26 9.51 -16.25 -26.04
C PRO A 26 8.62 -17.38 -25.55
N GLY A 27 8.41 -17.41 -24.25
CA GLY A 27 7.57 -18.41 -23.63
C GLY A 27 7.65 -18.32 -22.12
N PRO A 28 7.25 -19.41 -21.43
CA PRO A 28 7.29 -19.38 -19.96
C PRO A 28 8.65 -19.18 -19.35
N HIS A 29 9.72 -19.64 -20.03
CA HIS A 29 11.09 -19.47 -19.54
C HIS A 29 11.53 -18.00 -19.58
N CYS A 30 11.07 -17.22 -20.58
CA CYS A 30 11.53 -15.84 -20.81
C CYS A 30 10.59 -15.22 -21.84
N ALA A 31 10.01 -14.04 -21.55
CA ALA A 31 9.07 -13.36 -22.46
C ALA A 31 9.77 -12.66 -23.61
N GLN A 32 11.10 -12.62 -23.59
CA GLN A 32 11.90 -12.03 -24.68
C GLN A 32 12.62 -13.13 -25.45
N THR A 33 12.90 -12.88 -26.73
CA THR A 33 13.71 -13.82 -27.53
C THR A 33 15.15 -13.68 -26.99
N GLU A 34 15.86 -14.79 -26.86
CA GLU A 34 17.26 -14.77 -26.41
C GLU A 34 18.09 -15.47 -27.45
N VAL A 35 19.29 -14.95 -27.69
CA VAL A 35 20.24 -15.51 -28.68
C VAL A 35 21.52 -15.75 -27.92
N ILE A 36 21.98 -17.01 -27.89
CA ILE A 36 23.21 -17.36 -27.19
C ILE A 36 24.15 -18.00 -28.19
N ALA A 37 25.33 -17.39 -28.39
CA ALA A 37 26.33 -17.97 -29.26
C ALA A 37 27.29 -18.78 -28.40
N THR A 38 27.67 -19.97 -28.87
CA THR A 38 28.70 -20.80 -28.25
C THR A 38 29.91 -20.57 -29.11
N LEU A 39 30.97 -20.05 -28.51
CA LEU A 39 32.20 -19.80 -29.25
C LEU A 39 33.04 -21.06 -29.40
N LYS A 40 34.06 -21.03 -30.28
CA LYS A 40 34.93 -22.16 -30.57
C LYS A 40 35.78 -22.63 -29.37
N ASN A 41 35.89 -21.80 -28.31
CA ASN A 41 36.65 -22.11 -27.08
C ASN A 41 35.72 -22.59 -25.94
N GLY A 42 34.42 -22.63 -26.21
CA GLY A 42 33.42 -23.08 -25.23
C GLY A 42 32.70 -21.97 -24.50
N GLN A 43 33.14 -20.70 -24.68
CA GLN A 43 32.50 -19.55 -24.03
C GLN A 43 31.09 -19.40 -24.61
N LYS A 44 30.17 -18.84 -23.80
CA LYS A 44 28.81 -18.54 -24.21
C LYS A 44 28.67 -17.04 -24.16
N ALA A 45 28.09 -16.48 -25.21
CA ALA A 45 27.91 -15.05 -25.33
C ALA A 45 26.49 -14.73 -25.72
N CYS A 46 25.85 -13.94 -24.90
CA CYS A 46 24.50 -13.50 -25.11
C CYS A 46 24.52 -12.40 -26.15
N LEU A 47 23.66 -12.50 -27.16
CA LEU A 47 23.62 -11.54 -28.26
C LEU A 47 22.28 -10.87 -28.34
N ASN A 48 22.27 -9.58 -28.80
CA ASN A 48 21.02 -8.84 -28.95
C ASN A 48 20.26 -9.36 -30.20
N PRO A 49 19.06 -9.99 -30.07
CA PRO A 49 18.37 -10.51 -31.28
C PRO A 49 17.92 -9.45 -32.27
N ALA A 50 17.70 -8.22 -31.79
CA ALA A 50 17.25 -7.09 -32.60
C ALA A 50 18.38 -6.53 -33.47
N SER A 51 19.65 -6.66 -33.00
CA SER A 51 20.86 -6.18 -33.67
C SER A 51 20.99 -6.63 -35.14
N PRO A 52 21.16 -5.67 -36.09
CA PRO A 52 21.32 -6.07 -37.50
C PRO A 52 22.54 -6.94 -37.76
N MET A 53 23.59 -6.80 -36.92
CA MET A 53 24.82 -7.59 -37.03
C MET A 53 24.56 -9.04 -36.67
N VAL A 54 23.75 -9.27 -35.61
CA VAL A 54 23.38 -10.61 -35.15
C VAL A 54 22.59 -11.33 -36.25
N LYS A 55 21.61 -10.63 -36.87
CA LYS A 55 20.79 -11.17 -37.96
C LYS A 55 21.65 -11.54 -39.17
N LYS A 56 22.70 -10.72 -39.46
CA LYS A 56 23.65 -10.95 -40.56
C LYS A 56 24.52 -12.18 -40.30
N ILE A 57 25.00 -12.35 -39.05
CA ILE A 57 25.84 -13.48 -38.64
C ILE A 57 25.08 -14.80 -38.84
N ILE A 58 23.83 -14.88 -38.34
CA ILE A 58 22.98 -16.06 -38.43
C ILE A 58 22.67 -16.38 -39.90
N GLU A 59 22.33 -15.36 -40.72
CA GLU A 59 22.04 -15.60 -42.15
C GLU A 59 23.30 -16.06 -42.92
N LYS A 60 24.51 -15.60 -42.50
CA LYS A 60 25.78 -16.01 -43.09
C LYS A 60 26.04 -17.49 -42.78
N MET A 61 25.73 -17.93 -41.54
CA MET A 61 25.89 -19.32 -41.08
C MET A 61 25.02 -20.29 -41.90
N LEU A 62 23.79 -19.88 -42.24
CA LEU A 62 22.83 -20.69 -43.02
C LEU A 62 23.27 -21.00 -44.45
N LYS A 63 24.22 -20.22 -45.00
CA LYS A 63 24.76 -20.38 -46.35
C LYS A 63 25.93 -21.38 -46.39
N GLN B 1 -0.42 0.84 -19.99
CA GLN B 1 -1.84 0.59 -19.77
C GLN B 1 -2.09 -0.82 -19.19
N VAL B 2 -1.04 -1.43 -18.62
CA VAL B 2 -1.18 -2.74 -17.96
C VAL B 2 -1.98 -2.55 -16.69
N GLN B 3 -3.04 -3.33 -16.52
CA GLN B 3 -3.84 -3.27 -15.31
C GLN B 3 -4.18 -4.67 -14.83
N LEU B 4 -4.11 -4.86 -13.50
CA LEU B 4 -4.51 -6.09 -12.85
C LEU B 4 -5.54 -5.65 -11.83
N VAL B 5 -6.78 -6.10 -12.00
CA VAL B 5 -7.86 -5.70 -11.11
C VAL B 5 -8.36 -6.88 -10.32
N GLN B 6 -8.28 -6.77 -8.99
CA GLN B 6 -8.69 -7.85 -8.12
C GLN B 6 -10.09 -7.68 -7.61
N SER B 7 -10.69 -8.80 -7.15
CA SER B 7 -12.02 -8.78 -6.56
C SER B 7 -11.96 -8.07 -5.19
N GLY B 8 -13.11 -7.63 -4.70
CA GLY B 8 -13.20 -6.85 -3.47
C GLY B 8 -12.95 -7.62 -2.18
N ALA B 9 -12.79 -6.86 -1.08
CA ALA B 9 -12.55 -7.42 0.24
C ALA B 9 -13.61 -8.42 0.64
N GLU B 10 -13.18 -9.42 1.40
CA GLU B 10 -14.07 -10.50 1.81
C GLU B 10 -13.92 -10.79 3.26
N VAL B 11 -14.97 -11.35 3.84
CA VAL B 11 -14.91 -11.85 5.21
C VAL B 11 -15.37 -13.30 5.14
N LYS B 12 -14.72 -14.17 5.92
CA LYS B 12 -15.03 -15.59 5.91
C LYS B 12 -14.93 -16.14 7.30
N LYS B 13 -15.67 -17.21 7.57
CA LYS B 13 -15.56 -17.87 8.85
C LYS B 13 -14.43 -18.89 8.78
N PRO B 14 -13.83 -19.26 9.93
CA PRO B 14 -12.85 -20.36 9.90
C PRO B 14 -13.44 -21.62 9.29
N GLY B 15 -12.65 -22.30 8.47
CA GLY B 15 -13.07 -23.51 7.77
C GLY B 15 -13.62 -23.26 6.40
N ALA B 16 -13.94 -21.96 6.07
CA ALA B 16 -14.45 -21.64 4.74
C ALA B 16 -13.28 -21.58 3.73
N SER B 17 -13.59 -21.27 2.47
CA SER B 17 -12.56 -21.03 1.47
C SER B 17 -12.86 -19.65 0.90
N VAL B 18 -11.85 -19.05 0.26
CA VAL B 18 -12.01 -17.75 -0.40
C VAL B 18 -11.40 -17.89 -1.78
N LYS B 19 -12.03 -17.27 -2.81
CA LYS B 19 -11.45 -17.34 -4.16
C LYS B 19 -11.33 -15.89 -4.63
N VAL B 20 -10.09 -15.44 -4.79
CA VAL B 20 -9.78 -14.07 -5.20
C VAL B 20 -9.48 -14.08 -6.69
N SER B 21 -10.04 -13.13 -7.44
CA SER B 21 -9.76 -13.06 -8.88
C SER B 21 -8.78 -11.96 -9.17
N CYS B 22 -8.10 -12.08 -10.31
CA CYS B 22 -7.11 -11.12 -10.79
C CYS B 22 -7.36 -10.97 -12.28
N LYS B 23 -8.04 -9.91 -12.71
CA LYS B 23 -8.38 -9.71 -14.11
C LYS B 23 -7.35 -8.81 -14.77
N ALA B 24 -6.70 -9.33 -15.82
CA ALA B 24 -5.65 -8.62 -16.52
C ALA B 24 -6.14 -7.91 -17.77
N SER B 25 -5.49 -6.76 -18.12
CA SER B 25 -5.77 -6.04 -19.36
C SER B 25 -4.54 -5.23 -19.77
N GLY B 26 -4.47 -4.84 -21.04
CA GLY B 26 -3.39 -4.00 -21.53
C GLY B 26 -2.12 -4.69 -21.98
N TYR B 27 -2.15 -6.03 -22.11
CA TYR B 27 -1.01 -6.82 -22.60
C TYR B 27 -1.55 -8.17 -23.05
N THR B 28 -0.71 -8.99 -23.68
CA THR B 28 -1.13 -10.31 -24.13
C THR B 28 -1.11 -11.25 -22.93
N PHE B 29 -2.29 -11.55 -22.39
CA PHE B 29 -2.43 -12.35 -21.16
C PHE B 29 -1.61 -13.66 -21.14
N THR B 30 -1.69 -14.45 -22.20
CA THR B 30 -1.07 -15.76 -22.26
C THR B 30 0.45 -15.78 -22.37
N ASN B 31 1.13 -14.61 -22.37
CA ASN B 31 2.59 -14.59 -22.50
C ASN B 31 3.34 -14.44 -21.16
N TYR B 32 2.60 -14.30 -20.05
CA TYR B 32 3.20 -14.02 -18.77
C TYR B 32 2.71 -14.90 -17.65
N TRP B 33 3.43 -14.86 -16.52
CA TRP B 33 3.02 -15.55 -15.30
C TRP B 33 2.22 -14.61 -14.42
N ILE B 34 1.30 -15.18 -13.65
CA ILE B 34 0.64 -14.39 -12.58
C ILE B 34 1.08 -15.07 -11.29
N VAL B 35 1.53 -14.27 -10.32
CA VAL B 35 2.03 -14.76 -9.03
C VAL B 35 1.07 -14.25 -7.95
N TRP B 36 1.03 -14.93 -6.81
CA TRP B 36 0.22 -14.50 -5.66
C TRP B 36 1.17 -14.29 -4.49
N VAL B 37 1.02 -13.14 -3.82
CA VAL B 37 1.87 -12.77 -2.69
C VAL B 37 0.95 -12.31 -1.57
N ARG B 38 1.16 -12.83 -0.35
CA ARG B 38 0.27 -12.28 0.69
C ARG B 38 1.06 -11.44 1.68
N GLN B 39 0.35 -10.51 2.31
CA GLN B 39 0.96 -9.60 3.27
C GLN B 39 0.10 -9.64 4.51
N ALA B 40 0.62 -10.36 5.49
CA ALA B 40 0.06 -10.70 6.79
C ALA B 40 0.88 -9.98 7.86
N PRO B 41 0.23 -9.63 8.99
CA PRO B 41 0.98 -8.90 10.04
C PRO B 41 2.25 -9.62 10.49
N GLY B 42 3.32 -8.86 10.66
CA GLY B 42 4.61 -9.38 11.11
C GLY B 42 5.34 -10.30 10.14
N GLN B 43 4.79 -10.50 8.93
CA GLN B 43 5.41 -11.42 7.96
C GLN B 43 5.79 -10.78 6.64
N GLY B 44 5.82 -9.42 6.60
CA GLY B 44 6.17 -8.68 5.40
C GLY B 44 5.41 -9.24 4.21
N LEU B 45 6.14 -9.66 3.17
CA LEU B 45 5.54 -10.24 1.95
C LEU B 45 5.93 -11.69 1.82
N GLU B 46 4.99 -12.55 1.41
CA GLU B 46 5.24 -13.98 1.27
C GLU B 46 4.67 -14.51 -0.04
N TRP B 47 5.52 -15.15 -0.84
CA TRP B 47 5.08 -15.75 -2.08
C TRP B 47 4.24 -17.00 -1.81
N MET B 48 3.05 -17.09 -2.45
CA MET B 48 2.16 -18.23 -2.30
C MET B 48 2.31 -19.26 -3.43
N GLY B 49 2.63 -18.77 -4.61
CA GLY B 49 2.79 -19.62 -5.78
C GLY B 49 2.57 -18.82 -7.04
N ASP B 50 2.63 -19.49 -8.18
CA ASP B 50 2.41 -18.81 -9.46
C ASP B 50 1.97 -19.76 -10.51
N LEU B 51 1.55 -19.22 -11.65
CA LEU B 51 1.16 -20.06 -12.76
C LEU B 51 1.37 -19.34 -14.06
N TYR B 52 1.71 -20.09 -15.11
CA TYR B 52 1.95 -19.43 -16.39
C TYR B 52 0.57 -19.26 -17.05
N SER B 53 0.26 -18.02 -17.46
CA SER B 53 -1.09 -17.73 -17.97
C SER B 53 -1.44 -18.45 -19.27
N GLY B 54 -0.44 -18.85 -20.04
CA GLY B 54 -0.62 -19.61 -21.28
C GLY B 54 -0.77 -21.11 -21.09
N GLY B 55 -0.64 -21.59 -19.86
CA GLY B 55 -0.77 -23.00 -19.51
C GLY B 55 0.53 -23.72 -19.24
N GLY B 56 0.43 -24.96 -18.75
CA GLY B 56 1.58 -25.83 -18.57
C GLY B 56 2.35 -25.83 -17.29
N TYR B 57 2.27 -24.75 -16.50
CA TYR B 57 3.03 -24.65 -15.24
C TYR B 57 2.20 -24.00 -14.18
N THR B 58 2.21 -24.62 -13.00
CA THR B 58 1.58 -24.09 -11.79
C THR B 58 2.48 -24.54 -10.65
N PHE B 59 2.92 -23.60 -9.81
CA PHE B 59 3.79 -23.92 -8.67
C PHE B 59 3.23 -23.37 -7.40
N TYR B 60 3.29 -24.16 -6.33
CA TYR B 60 2.78 -23.68 -5.05
C TYR B 60 3.87 -23.69 -4.00
N SER B 61 3.82 -22.73 -3.06
CA SER B 61 4.72 -22.68 -1.93
C SER B 61 4.40 -23.91 -1.07
N GLU B 62 5.43 -24.54 -0.50
CA GLU B 62 5.24 -25.66 0.43
C GLU B 62 4.42 -25.23 1.67
N ASN B 63 4.43 -23.93 2.03
CA ASN B 63 3.63 -23.40 3.16
C ASN B 63 2.10 -23.45 2.86
N PHE B 64 1.71 -23.57 1.58
CA PHE B 64 0.28 -23.58 1.21
C PHE B 64 -0.16 -24.80 0.39
N LYS B 65 0.79 -25.58 -0.15
CA LYS B 65 0.49 -26.80 -0.91
C LYS B 65 -0.52 -27.67 -0.10
N GLY B 66 -1.58 -28.12 -0.76
CA GLY B 66 -2.62 -28.90 -0.11
C GLY B 66 -3.86 -28.09 0.19
N ARG B 67 -3.73 -26.74 0.29
CA ARG B 67 -4.94 -25.92 0.54
C ARG B 67 -5.02 -24.65 -0.36
N VAL B 68 -4.13 -24.53 -1.37
CA VAL B 68 -4.21 -23.41 -2.31
C VAL B 68 -4.41 -24.03 -3.71
N THR B 69 -5.28 -23.40 -4.52
CA THR B 69 -5.47 -23.82 -5.89
C THR B 69 -5.41 -22.55 -6.74
N MET B 70 -4.63 -22.56 -7.80
CA MET B 70 -4.59 -21.41 -8.71
C MET B 70 -5.05 -21.89 -10.06
N THR B 71 -5.95 -21.12 -10.69
CA THR B 71 -6.53 -21.48 -11.98
C THR B 71 -6.51 -20.28 -12.90
N ARG B 72 -6.67 -20.53 -14.19
CA ARG B 72 -6.58 -19.46 -15.18
C ARG B 72 -7.72 -19.64 -16.17
N ASP B 73 -8.17 -18.52 -16.77
CA ASP B 73 -9.25 -18.55 -17.75
C ASP B 73 -8.82 -17.62 -18.86
N THR B 74 -8.39 -18.19 -20.02
CA THR B 74 -7.93 -17.37 -21.13
C THR B 74 -9.04 -16.50 -21.68
N SER B 75 -10.29 -17.01 -21.74
CA SER B 75 -11.36 -16.20 -22.33
C SER B 75 -11.65 -14.92 -21.54
N THR B 76 -11.40 -14.90 -20.22
CA THR B 76 -11.64 -13.67 -19.45
C THR B 76 -10.33 -12.98 -18.99
N SER B 77 -9.17 -13.53 -19.38
CA SER B 77 -7.85 -12.99 -18.97
C SER B 77 -7.82 -12.86 -17.45
N THR B 78 -8.33 -13.89 -16.76
CA THR B 78 -8.39 -13.86 -15.30
C THR B 78 -7.69 -15.05 -14.68
N VAL B 79 -7.01 -14.80 -13.56
CA VAL B 79 -6.43 -15.86 -12.75
C VAL B 79 -7.09 -15.82 -11.39
N TYR B 80 -7.29 -17.00 -10.78
CA TYR B 80 -7.91 -17.11 -9.46
C TYR B 80 -7.00 -17.81 -8.51
N MET B 81 -7.05 -17.39 -7.26
CA MET B 81 -6.32 -18.06 -6.17
C MET B 81 -7.40 -18.43 -5.16
N GLU B 82 -7.55 -19.72 -4.90
CA GLU B 82 -8.53 -20.17 -3.91
C GLU B 82 -7.76 -20.72 -2.73
N LEU B 83 -8.05 -20.19 -1.54
CA LEU B 83 -7.36 -20.63 -0.34
C LEU B 83 -8.43 -21.28 0.51
N SER B 84 -8.20 -22.57 0.83
CA SER B 84 -9.16 -23.38 1.56
C SER B 84 -8.76 -23.58 3.00
N SER B 85 -9.69 -24.16 3.81
CA SER B 85 -9.43 -24.45 5.22
C SER B 85 -8.93 -23.18 5.94
N LEU B 86 -9.66 -22.07 5.75
CA LEU B 86 -9.21 -20.81 6.32
C LEU B 86 -9.14 -20.78 7.83
N ARG B 87 -8.11 -20.11 8.35
CA ARG B 87 -7.96 -19.93 9.80
C ARG B 87 -7.87 -18.44 10.04
N SER B 88 -8.17 -17.98 11.28
N SER B 88 -8.16 -17.99 11.27
CA SER B 88 -8.12 -16.55 11.59
CA SER B 88 -8.13 -16.55 11.59
C SER B 88 -6.78 -15.91 11.22
C SER B 88 -6.78 -15.91 11.26
N GLU B 89 -5.68 -16.70 11.28
CA GLU B 89 -4.31 -16.27 10.95
C GLU B 89 -4.06 -16.08 9.45
N ASP B 90 -5.03 -16.44 8.58
CA ASP B 90 -4.97 -16.22 7.13
C ASP B 90 -5.48 -14.81 6.83
N THR B 91 -5.88 -14.03 7.86
CA THR B 91 -6.28 -12.65 7.60
C THR B 91 -5.04 -11.90 7.04
N ALA B 92 -5.18 -11.33 5.86
CA ALA B 92 -4.06 -10.68 5.20
C ALA B 92 -4.55 -10.03 3.93
N VAL B 93 -3.69 -9.20 3.32
CA VAL B 93 -3.96 -8.63 2.01
C VAL B 93 -3.28 -9.60 1.02
N TYR B 94 -4.02 -10.01 -0.01
CA TYR B 94 -3.58 -10.95 -1.04
C TYR B 94 -3.43 -10.16 -2.32
N TYR B 95 -2.24 -10.21 -2.89
CA TYR B 95 -1.93 -9.50 -4.12
C TYR B 95 -1.68 -10.48 -5.26
N CYS B 96 -2.13 -10.13 -6.46
CA CYS B 96 -1.66 -10.84 -7.62
C CYS B 96 -0.63 -9.89 -8.28
N ALA B 97 0.29 -10.45 -9.07
CA ALA B 97 1.25 -9.64 -9.81
C ALA B 97 1.62 -10.35 -11.07
N ARG B 98 1.97 -9.59 -12.10
CA ARG B 98 2.37 -10.19 -13.36
C ARG B 98 3.89 -10.20 -13.41
N SER B 99 4.43 -11.28 -13.96
CA SER B 99 5.87 -11.35 -14.14
C SER B 99 6.38 -10.26 -15.10
N GLY B 100 7.70 -10.04 -15.04
CA GLY B 100 8.40 -9.18 -16.00
C GLY B 100 8.85 -10.02 -17.17
N TYR B 101 10.13 -10.00 -17.51
CA TYR B 101 10.66 -10.83 -18.59
C TYR B 101 10.63 -12.31 -18.20
N ASP B 102 10.61 -12.60 -16.89
CA ASP B 102 10.48 -13.98 -16.43
C ASP B 102 9.85 -13.94 -15.06
N ARG B 103 9.62 -15.11 -14.46
CA ARG B 103 8.97 -15.18 -13.15
C ARG B 103 9.88 -14.79 -11.97
N THR B 104 11.08 -14.24 -12.25
CA THR B 104 11.98 -13.85 -11.14
C THR B 104 11.65 -12.46 -10.62
N TRP B 105 10.85 -11.67 -11.37
CA TRP B 105 10.53 -10.33 -10.86
C TRP B 105 9.12 -10.00 -11.26
N PHE B 106 8.49 -9.10 -10.51
CA PHE B 106 7.07 -8.85 -10.60
C PHE B 106 6.84 -7.43 -11.07
N ALA B 107 6.57 -7.30 -12.36
CA ALA B 107 6.49 -6.00 -13.04
C ALA B 107 5.28 -5.15 -12.73
N HIS B 108 4.11 -5.77 -12.53
CA HIS B 108 2.87 -5.03 -12.32
C HIS B 108 2.09 -5.72 -11.24
N TRP B 109 1.48 -4.95 -10.35
CA TRP B 109 0.73 -5.54 -9.25
C TRP B 109 -0.76 -5.13 -9.25
N GLY B 110 -1.60 -6.04 -8.77
CA GLY B 110 -3.02 -5.77 -8.53
C GLY B 110 -3.11 -4.87 -7.31
N GLN B 111 -4.32 -4.37 -6.99
CA GLN B 111 -4.46 -3.43 -5.89
C GLN B 111 -4.52 -4.10 -4.51
N GLY B 112 -4.60 -5.44 -4.50
CA GLY B 112 -4.71 -6.22 -3.26
C GLY B 112 -6.14 -6.44 -2.84
N THR B 113 -6.35 -7.53 -2.13
CA THR B 113 -7.66 -7.92 -1.60
C THR B 113 -7.47 -8.29 -0.14
N LEU B 114 -8.15 -7.55 0.75
CA LEU B 114 -8.08 -7.90 2.17
C LEU B 114 -9.09 -8.99 2.46
N VAL B 115 -8.63 -10.11 2.99
CA VAL B 115 -9.49 -11.22 3.37
C VAL B 115 -9.40 -11.32 4.87
N THR B 116 -10.52 -11.16 5.58
CA THR B 116 -10.50 -11.30 7.05
C THR B 116 -11.18 -12.64 7.36
N VAL B 117 -10.59 -13.41 8.26
CA VAL B 117 -11.15 -14.68 8.69
C VAL B 117 -11.52 -14.50 10.14
N SER B 118 -12.82 -14.61 10.45
CA SER B 118 -13.30 -14.35 11.81
C SER B 118 -14.63 -15.02 12.03
N SER B 119 -14.92 -15.41 13.29
CA SER B 119 -16.21 -15.96 13.68
C SER B 119 -17.14 -14.81 14.05
N ALA B 120 -16.61 -13.59 14.27
CA ALA B 120 -17.42 -12.43 14.68
C ALA B 120 -18.40 -11.98 13.61
N SER B 121 -19.51 -11.36 14.02
CA SER B 121 -20.56 -10.90 13.09
C SER B 121 -20.12 -9.71 12.25
N THR B 122 -20.43 -9.77 10.96
CA THR B 122 -20.21 -8.65 10.04
C THR B 122 -21.18 -7.54 10.41
N LYS B 123 -20.70 -6.29 10.36
CA LYS B 123 -21.56 -5.16 10.71
C LYS B 123 -21.23 -4.01 9.77
N GLY B 124 -22.27 -3.39 9.23
CA GLY B 124 -22.09 -2.26 8.33
C GLY B 124 -21.91 -0.98 9.11
N PRO B 125 -21.20 0.01 8.56
CA PRO B 125 -20.97 1.24 9.33
C PRO B 125 -22.16 2.21 9.29
N SER B 126 -22.19 3.11 10.27
CA SER B 126 -23.05 4.29 10.31
C SER B 126 -22.13 5.40 9.82
N VAL B 127 -22.66 6.32 9.00
CA VAL B 127 -21.81 7.38 8.45
C VAL B 127 -22.40 8.70 8.93
N PHE B 128 -21.60 9.50 9.63
CA PHE B 128 -22.08 10.79 10.16
C PHE B 128 -21.25 11.94 9.60
N PRO B 129 -21.85 13.10 9.30
CA PRO B 129 -21.03 14.22 8.80
C PRO B 129 -20.20 14.86 9.90
N LEU B 130 -19.04 15.40 9.51
CA LEU B 130 -18.20 16.26 10.36
C LEU B 130 -18.33 17.60 9.65
N ALA B 131 -19.37 18.35 10.00
CA ALA B 131 -19.71 19.59 9.33
C ALA B 131 -18.73 20.73 9.53
N PRO B 132 -18.45 21.51 8.48
CA PRO B 132 -17.60 22.68 8.68
C PRO B 132 -18.41 23.72 9.44
N SER B 133 -17.77 24.42 10.38
CA SER B 133 -18.44 25.40 11.18
C SER B 133 -17.45 26.44 11.63
N SER B 134 -17.89 27.37 12.51
CA SER B 134 -16.96 28.35 13.04
C SER B 134 -15.86 27.71 13.87
N LYS B 135 -16.04 26.43 14.29
CA LYS B 135 -15.06 25.75 15.13
C LYS B 135 -14.08 24.89 14.33
N SER B 136 -14.28 24.84 13.00
CA SER B 136 -13.38 24.09 12.12
C SER B 136 -12.96 24.96 10.93
N THR B 137 -12.85 26.29 11.17
CA THR B 137 -12.45 27.24 10.11
C THR B 137 -11.55 28.27 10.66
N SER B 138 -10.37 28.46 10.02
CA SER B 138 -9.41 29.50 10.44
C SER B 138 -8.36 29.76 9.35
N GLY B 139 -7.90 31.01 9.26
CA GLY B 139 -6.87 31.39 8.30
C GLY B 139 -7.26 31.23 6.84
N GLY B 140 -8.54 31.13 6.61
CA GLY B 140 -9.13 30.95 5.29
C GLY B 140 -9.39 29.51 4.93
N THR B 141 -9.02 28.56 5.81
CA THR B 141 -9.18 27.11 5.57
C THR B 141 -10.33 26.58 6.36
N ALA B 142 -11.12 25.68 5.73
CA ALA B 142 -12.19 24.98 6.43
C ALA B 142 -11.90 23.50 6.42
N ALA B 143 -12.16 22.83 7.54
CA ALA B 143 -12.05 21.36 7.58
C ALA B 143 -13.43 20.80 7.69
N LEU B 144 -13.62 19.66 7.05
CA LEU B 144 -14.88 18.92 7.08
C LEU B 144 -14.57 17.46 6.87
N GLY B 145 -15.53 16.61 7.11
CA GLY B 145 -15.25 15.19 6.91
C GLY B 145 -16.44 14.29 7.18
N CYS B 146 -16.15 13.00 7.34
N CYS B 146 -16.21 12.97 7.24
CA CYS B 146 -17.16 12.01 7.68
CA CYS B 146 -17.28 12.06 7.67
C CYS B 146 -16.59 11.14 8.76
C CYS B 146 -16.73 10.97 8.56
N LEU B 147 -17.47 10.69 9.64
CA LEU B 147 -17.12 9.73 10.69
C LEU B 147 -17.81 8.44 10.33
N VAL B 148 -17.03 7.37 10.18
CA VAL B 148 -17.51 6.08 9.72
C VAL B 148 -17.37 5.16 10.92
N LYS B 149 -18.50 4.93 11.62
CA LYS B 149 -18.46 4.26 12.90
C LYS B 149 -19.09 2.89 12.94
N ASP B 150 -18.56 2.01 13.83
CA ASP B 150 -19.16 0.72 14.20
C ASP B 150 -19.30 -0.24 13.07
N TYR B 151 -18.18 -0.63 12.47
CA TYR B 151 -18.22 -1.63 11.41
C TYR B 151 -17.29 -2.79 11.71
N PHE B 152 -17.54 -3.90 11.04
CA PHE B 152 -16.67 -5.06 11.16
C PHE B 152 -16.85 -5.93 9.93
N PRO B 153 -15.77 -6.46 9.33
CA PRO B 153 -14.34 -6.26 9.65
C PRO B 153 -13.84 -5.06 8.86
N GLU B 154 -12.52 -4.88 8.76
CA GLU B 154 -12.00 -3.91 7.84
C GLU B 154 -12.12 -4.56 6.42
N PRO B 155 -12.00 -3.80 5.33
CA PRO B 155 -11.81 -2.34 5.27
C PRO B 155 -13.05 -1.54 4.90
N VAL B 156 -12.99 -0.25 5.24
CA VAL B 156 -13.89 0.74 4.72
C VAL B 156 -13.01 1.59 3.79
N THR B 157 -13.52 1.92 2.61
CA THR B 157 -12.85 2.86 1.73
C THR B 157 -13.69 4.12 1.67
N VAL B 158 -13.02 5.26 1.55
CA VAL B 158 -13.71 6.52 1.46
C VAL B 158 -13.12 7.26 0.30
N SER B 159 -13.99 7.83 -0.54
CA SER B 159 -13.53 8.74 -1.58
C SER B 159 -14.39 9.98 -1.37
N TRP B 160 -14.00 11.07 -2.01
CA TRP B 160 -14.72 12.34 -1.91
C TRP B 160 -15.11 12.77 -3.29
N ASN B 161 -16.41 13.14 -3.45
CA ASN B 161 -16.95 13.60 -4.75
C ASN B 161 -16.63 12.60 -5.88
N SER B 162 -16.80 11.30 -5.57
CA SER B 162 -16.60 10.18 -6.50
C SER B 162 -15.19 10.11 -7.07
N GLY B 163 -14.22 10.55 -6.29
CA GLY B 163 -12.79 10.52 -6.65
C GLY B 163 -12.29 11.81 -7.28
N ALA B 164 -13.19 12.81 -7.48
CA ALA B 164 -12.79 14.09 -8.04
C ALA B 164 -12.09 14.96 -7.02
N LEU B 165 -12.27 14.66 -5.71
CA LEU B 165 -11.62 15.47 -4.69
C LEU B 165 -10.59 14.59 -3.98
N THR B 166 -9.30 14.86 -4.19
CA THR B 166 -8.25 14.06 -3.55
C THR B 166 -7.26 14.95 -2.76
N SER B 167 -7.03 16.19 -3.21
N SER B 167 -7.03 16.22 -3.20
CA SER B 167 -6.10 17.11 -2.54
CA SER B 167 -6.10 17.14 -2.53
C SER B 167 -6.57 17.46 -1.12
C SER B 167 -6.58 17.46 -1.11
N GLY B 168 -5.66 17.38 -0.15
CA GLY B 168 -5.96 17.68 1.25
C GLY B 168 -6.82 16.66 1.98
N VAL B 169 -7.08 15.47 1.39
CA VAL B 169 -7.87 14.44 2.08
C VAL B 169 -6.94 13.65 3.01
N HIS B 170 -7.42 13.35 4.22
CA HIS B 170 -6.76 12.42 5.13
C HIS B 170 -7.79 11.43 5.60
N THR B 171 -7.67 10.16 5.16
CA THR B 171 -8.53 9.10 5.65
C THR B 171 -7.68 8.38 6.66
N PHE B 172 -8.10 8.45 7.91
CA PHE B 172 -7.30 7.92 8.98
C PHE B 172 -7.33 6.42 9.09
N PRO B 173 -6.24 5.82 9.60
CA PRO B 173 -6.31 4.40 9.99
C PRO B 173 -7.42 4.19 11.01
N ALA B 174 -8.10 3.06 10.90
CA ALA B 174 -9.21 2.76 11.79
C ALA B 174 -8.69 2.54 13.20
N VAL B 175 -9.55 2.74 14.20
CA VAL B 175 -9.25 2.38 15.60
C VAL B 175 -10.17 1.23 15.92
N LEU B 176 -9.73 0.38 16.84
CA LEU B 176 -10.53 -0.73 17.29
C LEU B 176 -11.22 -0.27 18.58
N GLN B 177 -12.57 -0.22 18.57
CA GLN B 177 -13.34 0.17 19.76
C GLN B 177 -13.41 -0.97 20.77
N SER B 178 -13.81 -0.68 22.03
N SER B 178 -13.80 -0.67 22.03
CA SER B 178 -13.93 -1.71 23.07
CA SER B 178 -13.93 -1.71 23.07
C SER B 178 -14.91 -2.81 22.66
C SER B 178 -14.92 -2.81 22.67
N SER B 179 -15.93 -2.45 21.85
CA SER B 179 -16.96 -3.38 21.34
C SER B 179 -16.43 -4.41 20.35
N GLY B 180 -15.21 -4.22 19.83
CA GLY B 180 -14.66 -5.07 18.79
C GLY B 180 -14.97 -4.54 17.39
N LEU B 181 -15.71 -3.43 17.32
CA LEU B 181 -16.04 -2.79 16.04
C LEU B 181 -15.04 -1.72 15.75
N TYR B 182 -14.85 -1.39 14.47
CA TYR B 182 -13.92 -0.35 14.09
C TYR B 182 -14.60 0.97 13.81
N SER B 183 -13.81 2.05 13.84
CA SER B 183 -14.27 3.38 13.49
CA SER B 183 -14.29 3.36 13.48
C SER B 183 -13.17 4.13 12.80
N LEU B 184 -13.51 4.97 11.81
CA LEU B 184 -12.49 5.80 11.21
C LEU B 184 -13.11 7.12 10.84
N SER B 185 -12.28 8.12 10.55
N SER B 185 -12.27 8.13 10.57
CA SER B 185 -12.78 9.38 10.03
CA SER B 185 -12.74 9.42 10.07
C SER B 185 -12.01 9.68 8.76
C SER B 185 -11.97 9.75 8.81
N SER B 186 -12.61 10.47 7.89
CA SER B 186 -11.96 10.93 6.66
C SER B 186 -12.26 12.40 6.64
N VAL B 187 -11.21 13.24 6.50
CA VAL B 187 -11.37 14.69 6.54
C VAL B 187 -10.73 15.30 5.30
N VAL B 188 -11.10 16.54 5.03
CA VAL B 188 -10.50 17.28 3.92
C VAL B 188 -10.46 18.74 4.35
N THR B 189 -9.45 19.47 3.91
CA THR B 189 -9.41 20.93 4.12
C THR B 189 -9.66 21.58 2.75
N VAL B 190 -10.46 22.62 2.76
CA VAL B 190 -10.88 23.32 1.54
C VAL B 190 -10.90 24.81 1.83
N PRO B 191 -11.12 25.67 0.84
CA PRO B 191 -11.22 27.10 1.17
C PRO B 191 -12.53 27.37 1.94
N SER B 192 -12.48 28.17 3.01
N SER B 192 -12.48 28.20 2.99
CA SER B 192 -13.71 28.50 3.73
CA SER B 192 -13.71 28.55 3.71
C SER B 192 -14.61 29.39 2.85
C SER B 192 -14.62 29.34 2.78
N SER B 193 -14.02 30.15 1.89
CA SER B 193 -14.74 31.06 1.01
C SER B 193 -15.84 30.45 0.19
N SER B 194 -15.64 29.20 -0.22
CA SER B 194 -16.57 28.54 -1.15
C SER B 194 -17.41 27.44 -0.52
N LEU B 195 -17.57 27.45 0.82
CA LEU B 195 -18.45 26.47 1.43
C LEU B 195 -19.89 26.66 0.92
N GLY B 196 -20.24 27.87 0.49
CA GLY B 196 -21.60 28.11 0.02
C GLY B 196 -21.88 27.64 -1.40
N THR B 197 -20.82 27.40 -2.18
CA THR B 197 -21.03 27.05 -3.59
C THR B 197 -20.60 25.63 -3.95
N GLN B 198 -19.70 25.03 -3.16
CA GLN B 198 -19.16 23.69 -3.47
C GLN B 198 -19.93 22.63 -2.73
N THR B 199 -19.98 21.42 -3.30
CA THR B 199 -20.68 20.27 -2.71
C THR B 199 -19.64 19.25 -2.35
N TYR B 200 -19.67 18.76 -1.08
CA TYR B 200 -18.70 17.78 -0.62
C TYR B 200 -19.45 16.57 -0.17
N ILE B 201 -19.24 15.47 -0.87
CA ILE B 201 -19.90 14.20 -0.59
C ILE B 201 -18.87 13.15 -0.28
N CYS B 202 -19.01 12.47 0.85
CA CYS B 202 -18.10 11.37 1.07
C CYS B 202 -18.75 10.07 0.64
N ASN B 203 -18.02 9.26 -0.11
CA ASN B 203 -18.51 7.99 -0.66
C ASN B 203 -17.86 6.88 0.14
N VAL B 204 -18.66 6.22 0.95
CA VAL B 204 -18.19 5.18 1.86
C VAL B 204 -18.61 3.82 1.35
N ASN B 205 -17.65 2.90 1.29
N ASN B 205 -17.65 2.90 1.29
CA ASN B 205 -17.91 1.55 0.83
CA ASN B 205 -17.93 1.54 0.84
C ASN B 205 -17.40 0.56 1.89
C ASN B 205 -17.39 0.55 1.87
N HIS B 206 -18.23 -0.42 2.25
CA HIS B 206 -17.82 -1.48 3.19
C HIS B 206 -18.30 -2.76 2.50
N LYS B 207 -17.46 -3.30 1.59
CA LYS B 207 -17.80 -4.48 0.78
C LYS B 207 -18.28 -5.70 1.61
N PRO B 208 -17.68 -6.05 2.79
CA PRO B 208 -18.21 -7.21 3.56
C PRO B 208 -19.70 -7.14 3.98
N SER B 209 -20.25 -5.95 4.23
CA SER B 209 -21.67 -5.82 4.58
C SER B 209 -22.52 -5.31 3.38
N ASN B 210 -21.91 -5.15 2.19
CA ASN B 210 -22.57 -4.62 0.99
C ASN B 210 -23.18 -3.24 1.26
N THR B 211 -22.45 -2.42 2.04
CA THR B 211 -22.90 -1.07 2.42
C THR B 211 -22.19 -0.08 1.51
N LYS B 212 -22.95 0.80 0.85
CA LYS B 212 -22.42 1.88 0.01
C LYS B 212 -23.21 3.09 0.44
N VAL B 213 -22.56 4.10 1.04
CA VAL B 213 -23.26 5.29 1.51
C VAL B 213 -22.59 6.52 0.92
N ASP B 214 -23.38 7.48 0.47
CA ASP B 214 -22.88 8.77 -0.03
C ASP B 214 -23.49 9.79 0.90
N LYS B 215 -22.67 10.54 1.65
CA LYS B 215 -23.19 11.52 2.59
C LYS B 215 -22.72 12.91 2.20
N LYS B 216 -23.68 13.82 1.96
CA LYS B 216 -23.37 15.19 1.62
C LYS B 216 -23.06 15.86 2.96
N VAL B 217 -21.92 16.54 3.06
CA VAL B 217 -21.49 17.19 4.27
C VAL B 217 -21.75 18.68 4.08
N GLU B 218 -22.74 19.19 4.82
CA GLU B 218 -23.17 20.59 4.71
C GLU B 218 -22.65 21.45 5.84
N PRO B 219 -22.38 22.74 5.57
CA PRO B 219 -21.94 23.63 6.65
C PRO B 219 -22.99 23.72 7.76
N LYS B 220 -22.52 23.88 8.99
CA LYS B 220 -23.38 23.98 10.17
C LYS B 220 -23.43 25.42 10.68
N ASP C 1 15.09 -23.14 1.99
CA ASP C 1 14.82 -21.92 1.23
C ASP C 1 15.91 -20.90 1.45
N ILE C 2 16.03 -19.92 0.54
CA ILE C 2 17.03 -18.85 0.65
C ILE C 2 16.52 -17.78 1.62
N GLN C 3 17.33 -17.44 2.63
CA GLN C 3 16.98 -16.41 3.60
C GLN C 3 17.51 -15.07 3.08
N MET C 4 16.66 -14.04 3.14
CA MET C 4 17.05 -12.71 2.67
C MET C 4 17.08 -11.83 3.89
N THR C 5 18.24 -11.22 4.18
CA THR C 5 18.41 -10.34 5.33
C THR C 5 18.57 -8.91 4.81
N GLN C 6 17.61 -8.08 5.13
CA GLN C 6 17.61 -6.71 4.72
C GLN C 6 18.09 -5.82 5.88
N SER C 7 18.93 -4.83 5.59
N SER C 7 18.93 -4.82 5.58
CA SER C 7 19.47 -3.91 6.58
CA SER C 7 19.48 -3.90 6.57
C SER C 7 19.45 -2.46 6.05
C SER C 7 19.45 -2.45 6.04
N PRO C 8 19.08 -1.44 6.87
CA PRO C 8 18.56 -1.53 8.26
C PRO C 8 17.06 -1.87 8.20
N SER C 9 16.42 -2.19 9.33
N SER C 9 16.43 -2.17 9.34
CA SER C 9 14.98 -2.43 9.31
CA SER C 9 14.99 -2.44 9.36
C SER C 9 14.20 -1.11 9.21
C SER C 9 14.20 -1.11 9.23
N SER C 10 14.81 0.00 9.66
CA SER C 10 14.19 1.32 9.58
C SER C 10 15.28 2.34 9.50
N LEU C 11 14.99 3.45 8.83
CA LEU C 11 15.93 4.55 8.78
C LEU C 11 15.22 5.85 8.62
N SER C 12 15.85 6.89 9.13
CA SER C 12 15.29 8.22 9.04
C SER C 12 16.30 9.06 8.28
N ALA C 13 15.82 9.86 7.31
CA ALA C 13 16.75 10.68 6.52
C ALA C 13 16.04 11.96 6.08
N SER C 14 16.81 12.96 5.69
CA SER C 14 16.24 14.23 5.26
C SER C 14 16.15 14.30 3.74
N VAL C 15 15.28 15.17 3.22
CA VAL C 15 15.18 15.38 1.77
C VAL C 15 16.53 15.87 1.26
N GLY C 16 17.00 15.22 0.20
CA GLY C 16 18.28 15.51 -0.44
C GLY C 16 19.38 14.58 0.00
N ASP C 17 19.16 13.79 1.07
CA ASP C 17 20.18 12.84 1.56
C ASP C 17 20.29 11.63 0.63
N ARG C 18 21.43 10.95 0.66
CA ARG C 18 21.56 9.68 -0.08
C ARG C 18 21.17 8.58 0.91
N VAL C 19 20.36 7.64 0.46
CA VAL C 19 19.89 6.52 1.29
C VAL C 19 20.46 5.22 0.75
N THR C 20 20.98 4.34 1.63
CA THR C 20 21.55 3.05 1.20
C THR C 20 20.84 1.94 1.97
N ILE C 21 20.29 0.97 1.23
CA ILE C 21 19.60 -0.19 1.86
C ILE C 21 20.25 -1.45 1.29
N THR C 22 20.59 -2.42 2.16
CA THR C 22 21.31 -3.62 1.72
C THR C 22 20.47 -4.85 1.89
N CYS C 23 20.77 -5.88 1.10
CA CYS C 23 20.02 -7.13 1.11
C CYS C 23 21.08 -8.22 1.02
N GLN C 24 21.07 -9.19 1.93
CA GLN C 24 22.04 -10.27 1.83
C GLN C 24 21.29 -11.59 1.73
N ALA C 25 21.64 -12.41 0.73
CA ALA C 25 21.05 -13.73 0.49
C ALA C 25 21.88 -14.78 1.18
N SER C 26 21.25 -15.88 1.67
CA SER C 26 22.00 -16.95 2.35
C SER C 26 22.84 -17.79 1.38
N GLN C 27 22.66 -17.58 0.08
CA GLN C 27 23.50 -18.22 -0.95
C GLN C 27 23.47 -17.39 -2.23
N ASP C 28 24.38 -17.67 -3.17
CA ASP C 28 24.50 -16.93 -4.42
C ASP C 28 23.16 -17.01 -5.19
N ILE C 29 22.61 -15.84 -5.52
CA ILE C 29 21.32 -15.77 -6.24
C ILE C 29 21.52 -15.25 -7.67
N GLU C 30 22.79 -15.09 -8.10
CA GLU C 30 23.12 -14.76 -9.50
C GLU C 30 22.41 -13.53 -10.06
N SER C 31 22.24 -12.48 -9.24
CA SER C 31 21.61 -11.22 -9.64
C SER C 31 20.14 -11.35 -10.04
N TYR C 32 19.46 -12.46 -9.66
CA TYR C 32 18.00 -12.53 -9.87
C TYR C 32 17.40 -11.91 -8.63
N LEU C 33 17.58 -10.61 -8.51
CA LEU C 33 17.21 -9.85 -7.32
C LEU C 33 16.51 -8.59 -7.79
N SER C 34 15.37 -8.29 -7.15
CA SER C 34 14.61 -7.09 -7.52
C SER C 34 14.23 -6.32 -6.29
N TRP C 35 13.96 -5.04 -6.47
CA TRP C 35 13.62 -4.15 -5.35
C TRP C 35 12.24 -3.56 -5.62
N TYR C 36 11.46 -3.40 -4.53
CA TYR C 36 10.08 -2.89 -4.60
C TYR C 36 9.87 -1.81 -3.56
N GLN C 37 8.98 -0.86 -3.86
CA GLN C 37 8.62 0.21 -2.93
C GLN C 37 7.16 0.01 -2.61
N GLN C 38 6.79 0.12 -1.33
CA GLN C 38 5.40 -0.01 -0.95
C GLN C 38 4.99 1.16 -0.06
N LYS C 39 4.00 1.94 -0.51
CA LYS C 39 3.44 3.05 0.31
C LYS C 39 2.33 2.46 1.23
N PRO C 40 2.02 3.05 2.42
CA PRO C 40 0.98 2.44 3.27
C PRO C 40 -0.36 2.35 2.55
N GLY C 41 -1.00 1.19 2.67
CA GLY C 41 -2.28 0.91 2.02
C GLY C 41 -2.22 0.71 0.52
N LYS C 42 -1.01 0.69 -0.07
CA LYS C 42 -0.88 0.55 -1.52
C LYS C 42 -0.14 -0.73 -1.86
N ALA C 43 -0.24 -1.18 -3.10
CA ALA C 43 0.48 -2.36 -3.53
C ALA C 43 1.95 -2.03 -3.72
N PRO C 44 2.82 -3.04 -3.60
CA PRO C 44 4.25 -2.82 -3.94
C PRO C 44 4.37 -2.37 -5.40
N LYS C 45 5.46 -1.67 -5.71
CA LYS C 45 5.73 -1.18 -7.06
C LYS C 45 7.18 -1.55 -7.37
N LEU C 46 7.42 -2.11 -8.55
CA LEU C 46 8.81 -2.48 -8.92
C LEU C 46 9.69 -1.24 -9.11
N LEU C 47 10.91 -1.31 -8.58
CA LEU C 47 11.91 -0.27 -8.81
C LEU C 47 13.03 -0.77 -9.71
N ILE C 48 13.63 -1.93 -9.35
CA ILE C 48 14.84 -2.43 -10.00
C ILE C 48 14.68 -3.92 -10.21
N TYR C 49 15.19 -4.45 -11.34
CA TYR C 49 15.15 -5.89 -11.56
C TYR C 49 16.53 -6.34 -12.05
N TYR C 50 16.82 -7.64 -11.94
CA TYR C 50 18.15 -8.20 -12.30
C TYR C 50 19.27 -7.39 -11.63
N ALA C 51 19.05 -7.01 -10.36
CA ALA C 51 19.99 -6.26 -9.49
C ALA C 51 20.25 -4.81 -9.87
N THR C 52 20.32 -4.49 -11.18
CA THR C 52 20.74 -3.13 -11.57
C THR C 52 19.82 -2.42 -12.54
N ARG C 53 18.85 -3.13 -13.12
CA ARG C 53 18.04 -2.51 -14.17
C ARG C 53 16.90 -1.71 -13.61
N LEU C 54 16.76 -0.44 -14.04
CA LEU C 54 15.70 0.44 -13.56
C LEU C 54 14.40 0.17 -14.31
N ALA C 55 13.31 -0.03 -13.56
CA ALA C 55 12.00 -0.26 -14.18
C ALA C 55 11.54 1.01 -14.92
N ASP C 56 10.72 0.80 -15.94
CA ASP C 56 10.16 1.90 -16.74
C ASP C 56 9.42 2.91 -15.83
N GLY C 57 9.70 4.19 -16.02
CA GLY C 57 9.06 5.23 -15.23
C GLY C 57 9.71 5.55 -13.88
N VAL C 58 10.61 4.71 -13.40
CA VAL C 58 11.22 4.95 -12.09
C VAL C 58 12.31 6.02 -12.20
N PRO C 59 12.33 7.05 -11.29
CA PRO C 59 13.33 8.11 -11.42
C PRO C 59 14.76 7.57 -11.34
N SER C 60 15.69 8.24 -12.05
CA SER C 60 17.10 7.86 -12.11
C SER C 60 17.79 7.95 -10.74
N ARG C 61 17.16 8.60 -9.72
CA ARG C 61 17.77 8.65 -8.38
C ARG C 61 17.86 7.27 -7.73
N PHE C 62 17.07 6.31 -8.22
CA PHE C 62 17.12 4.94 -7.72
C PHE C 62 18.14 4.16 -8.53
N SER C 63 19.02 3.43 -7.84
CA SER C 63 19.97 2.56 -8.55
C SER C 63 20.24 1.33 -7.74
N GLY C 64 20.64 0.27 -8.39
CA GLY C 64 20.92 -0.97 -7.66
C GLY C 64 22.28 -1.53 -8.04
N SER C 65 22.92 -2.21 -7.10
CA SER C 65 24.22 -2.83 -7.37
C SER C 65 24.29 -4.15 -6.63
N GLY C 66 25.31 -4.94 -6.96
CA GLY C 66 25.55 -6.20 -6.26
C GLY C 66 25.63 -7.42 -7.13
N SER C 67 26.09 -8.50 -6.53
CA SER C 67 26.21 -9.81 -7.17
C SER C 67 26.39 -10.82 -6.05
N GLY C 68 26.40 -12.10 -6.43
CA GLY C 68 26.55 -13.18 -5.46
C GLY C 68 25.46 -13.15 -4.42
N GLN C 69 25.86 -12.86 -3.18
CA GLN C 69 24.92 -12.80 -2.05
C GLN C 69 24.57 -11.40 -1.61
N ASP C 70 25.29 -10.37 -2.06
CA ASP C 70 25.13 -9.02 -1.51
C ASP C 70 24.68 -7.99 -2.51
N TYR C 71 23.60 -7.27 -2.18
CA TYR C 71 22.96 -6.31 -3.07
C TYR C 71 22.62 -5.03 -2.35
N THR C 72 22.57 -3.92 -3.09
CA THR C 72 22.33 -2.62 -2.45
C THR C 72 21.43 -1.79 -3.30
N LEU C 73 20.46 -1.14 -2.65
CA LEU C 73 19.58 -0.18 -3.31
C LEU C 73 20.01 1.19 -2.80
N THR C 74 20.25 2.14 -3.73
CA THR C 74 20.61 3.48 -3.36
C THR C 74 19.60 4.47 -3.90
N ILE C 75 19.20 5.46 -3.08
CA ILE C 75 18.41 6.59 -3.53
C ILE C 75 19.39 7.76 -3.40
N SER C 76 19.79 8.39 -4.54
CA SER C 76 20.85 9.39 -4.50
C SER C 76 20.49 10.69 -3.82
N SER C 77 19.24 11.13 -3.95
CA SER C 77 18.79 12.39 -3.33
C SER C 77 17.35 12.22 -2.95
N LEU C 78 17.13 11.83 -1.70
CA LEU C 78 15.80 11.53 -1.16
C LEU C 78 14.77 12.62 -1.40
N GLN C 79 13.57 12.20 -1.83
CA GLN C 79 12.48 13.14 -2.07
C GLN C 79 11.34 12.76 -1.16
N PRO C 80 10.43 13.70 -0.85
CA PRO C 80 9.34 13.38 0.09
C PRO C 80 8.52 12.17 -0.34
N GLU C 81 8.34 12.01 -1.67
CA GLU C 81 7.54 10.92 -2.21
C GLU C 81 8.20 9.56 -2.07
N ASP C 82 9.44 9.55 -1.57
CA ASP C 82 10.14 8.27 -1.35
C ASP C 82 9.82 7.64 0.01
N PHE C 83 8.99 8.32 0.84
CA PHE C 83 8.54 7.74 2.09
C PHE C 83 7.79 6.44 1.71
N ALA C 84 8.24 5.29 2.24
CA ALA C 84 7.70 3.99 1.91
C ALA C 84 8.48 2.93 2.65
N THR C 85 8.03 1.69 2.49
CA THR C 85 8.80 0.53 2.92
C THR C 85 9.38 -0.08 1.65
N TYR C 86 10.65 -0.49 1.70
CA TYR C 86 11.35 -1.09 0.56
C TYR C 86 11.62 -2.54 0.81
N TYR C 87 11.46 -3.38 -0.22
CA TYR C 87 11.72 -4.82 -0.06
C TYR C 87 12.61 -5.32 -1.17
N CYS C 88 13.47 -6.31 -0.87
CA CYS C 88 14.19 -7.03 -1.90
C CYS C 88 13.50 -8.36 -2.08
N LEU C 89 13.66 -8.95 -3.28
CA LEU C 89 13.10 -10.24 -3.62
C LEU C 89 14.14 -11.03 -4.39
N GLN C 90 14.43 -12.25 -3.97
CA GLN C 90 15.33 -13.12 -4.75
C GLN C 90 14.50 -14.17 -5.45
N HIS C 91 14.91 -14.53 -6.66
CA HIS C 91 14.36 -15.70 -7.29
C HIS C 91 15.47 -16.39 -8.08
N GLY C 92 16.64 -16.54 -7.45
CA GLY C 92 17.75 -17.30 -8.02
C GLY C 92 17.52 -18.79 -7.82
N GLU C 93 16.68 -19.13 -6.83
CA GLU C 93 16.23 -20.48 -6.53
C GLU C 93 14.82 -20.43 -5.98
N SER C 94 13.95 -21.33 -6.44
CA SER C 94 12.60 -21.34 -5.90
C SER C 94 12.58 -21.97 -4.50
N PRO C 95 11.67 -21.54 -3.61
CA PRO C 95 10.68 -20.49 -3.81
C PRO C 95 11.30 -19.12 -3.72
N PRO C 96 10.71 -18.13 -4.43
CA PRO C 96 11.19 -16.76 -4.27
C PRO C 96 10.95 -16.32 -2.84
N THR C 97 11.87 -15.53 -2.30
CA THR C 97 11.76 -15.05 -0.94
C THR C 97 12.08 -13.58 -0.87
N PHE C 98 11.37 -12.87 0.02
CA PHE C 98 11.53 -11.45 0.24
C PHE C 98 12.35 -11.15 1.49
N GLY C 99 13.00 -9.99 1.46
CA GLY C 99 13.60 -9.41 2.64
C GLY C 99 12.49 -8.96 3.58
N GLN C 100 12.80 -8.67 4.86
N GLN C 100 12.86 -8.63 4.83
CA GLN C 100 11.75 -8.27 5.81
CA GLN C 100 11.97 -8.22 5.93
C GLN C 100 11.24 -6.85 5.59
C GLN C 100 11.43 -6.79 5.77
N GLY C 101 11.98 -6.04 4.82
CA GLY C 101 11.56 -4.69 4.53
C GLY C 101 12.35 -3.64 5.28
N THR C 102 12.49 -2.45 4.66
CA THR C 102 13.14 -1.31 5.31
C THR C 102 12.16 -0.16 5.30
N LYS C 103 11.77 0.35 6.49
CA LYS C 103 10.84 1.49 6.57
C LYS C 103 11.63 2.77 6.54
N LEU C 104 11.40 3.60 5.51
CA LEU C 104 12.14 4.84 5.31
C LEU C 104 11.27 6.00 5.72
N GLU C 105 11.68 6.69 6.81
CA GLU C 105 11.00 7.85 7.37
C GLU C 105 11.74 9.11 6.98
N ILE C 106 10.99 10.22 6.87
N ILE C 106 11.02 10.24 6.86
CA ILE C 106 11.54 11.51 6.46
CA ILE C 106 11.65 11.47 6.41
C ILE C 106 11.67 12.44 7.64
C ILE C 106 11.65 12.53 7.49
N LYS C 107 12.86 13.05 7.82
CA LYS C 107 13.05 14.08 8.83
C LYS C 107 12.82 15.40 8.12
N ARG C 108 12.12 16.35 8.77
CA ARG C 108 11.89 17.65 8.16
C ARG C 108 11.77 18.71 9.26
N THR C 109 11.54 19.98 8.87
CA THR C 109 11.43 21.06 9.84
C THR C 109 10.11 20.96 10.58
N VAL C 110 10.05 21.62 11.74
CA VAL C 110 8.88 21.61 12.59
C VAL C 110 7.73 22.31 11.88
N ALA C 111 6.52 21.74 11.96
CA ALA C 111 5.30 22.33 11.38
C ALA C 111 4.23 22.22 12.44
N ALA C 112 3.66 23.35 12.85
CA ALA C 112 2.60 23.36 13.85
C ALA C 112 1.31 22.77 13.27
N PRO C 113 0.50 22.04 14.07
CA PRO C 113 -0.79 21.58 13.55
C PRO C 113 -1.78 22.73 13.47
N SER C 114 -2.74 22.60 12.55
CA SER C 114 -3.93 23.44 12.53
C SER C 114 -4.94 22.57 13.28
N VAL C 115 -5.72 23.16 14.22
CA VAL C 115 -6.62 22.40 15.07
C VAL C 115 -8.07 22.74 14.77
N PHE C 116 -8.91 21.71 14.61
CA PHE C 116 -10.32 21.88 14.28
C PHE C 116 -11.14 20.95 15.21
N ILE C 117 -12.36 21.36 15.59
CA ILE C 117 -13.19 20.49 16.42
C ILE C 117 -14.56 20.36 15.78
N PHE C 118 -15.17 19.20 15.95
CA PHE C 118 -16.49 18.90 15.39
C PHE C 118 -17.41 18.36 16.44
N PRO C 119 -18.47 19.10 16.78
CA PRO C 119 -19.50 18.54 17.68
C PRO C 119 -20.18 17.32 17.04
N PRO C 120 -20.91 16.50 17.82
CA PRO C 120 -21.65 15.39 17.20
C PRO C 120 -22.75 15.89 16.28
N SER C 121 -23.05 15.11 15.23
CA SER C 121 -24.14 15.40 14.29
C SER C 121 -25.45 15.13 14.99
N ASP C 122 -26.54 15.83 14.61
CA ASP C 122 -27.85 15.55 15.19
C ASP C 122 -28.29 14.14 14.82
N GLU C 123 -27.86 13.63 13.63
CA GLU C 123 -28.16 12.26 13.20
C GLU C 123 -27.62 11.25 14.21
N GLN C 124 -26.33 11.37 14.59
CA GLN C 124 -25.78 10.45 15.61
C GLN C 124 -26.49 10.62 16.97
N LEU C 125 -26.76 11.86 17.38
CA LEU C 125 -27.46 12.09 18.67
C LEU C 125 -28.81 11.36 18.74
N LYS C 126 -29.53 11.30 17.60
CA LYS C 126 -30.81 10.57 17.51
C LYS C 126 -30.65 9.08 17.81
N SER C 127 -29.45 8.52 17.56
CA SER C 127 -29.14 7.10 17.79
C SER C 127 -28.69 6.77 19.23
N GLY C 128 -28.50 7.81 20.06
CA GLY C 128 -28.13 7.65 21.47
C GLY C 128 -26.66 7.79 21.82
N THR C 129 -25.82 8.22 20.87
CA THR C 129 -24.37 8.38 21.10
C THR C 129 -23.91 9.74 20.63
N ALA C 130 -22.85 10.26 21.26
CA ALA C 130 -22.27 11.52 20.85
C ALA C 130 -20.76 11.36 20.64
N SER C 131 -20.28 11.51 19.43
CA SER C 131 -18.85 11.48 19.18
C SER C 131 -18.41 12.89 18.87
N VAL C 132 -17.35 13.35 19.55
CA VAL C 132 -16.78 14.69 19.30
C VAL C 132 -15.43 14.46 18.68
N VAL C 133 -15.12 15.10 17.53
CA VAL C 133 -13.84 14.83 16.87
C VAL C 133 -12.94 16.03 16.91
N CYS C 134 -11.69 15.82 17.30
CA CYS C 134 -10.67 16.86 17.28
C CYS C 134 -9.64 16.48 16.21
N LEU C 135 -9.38 17.40 15.27
CA LEU C 135 -8.48 17.13 14.18
C LEU C 135 -7.24 18.01 14.29
N LEU C 136 -6.04 17.40 14.17
CA LEU C 136 -4.76 18.10 14.14
C LEU C 136 -4.21 17.86 12.74
N ASN C 137 -4.15 18.92 11.94
CA ASN C 137 -3.77 18.75 10.55
C ASN C 137 -2.39 19.24 10.21
N ASN C 138 -1.66 18.39 9.50
CA ASN C 138 -0.36 18.66 8.87
C ASN C 138 0.70 19.22 9.79
N PHE C 139 1.18 18.37 10.71
CA PHE C 139 2.21 18.77 11.65
C PHE C 139 3.43 17.88 11.62
N TYR C 140 4.52 18.36 12.23
CA TYR C 140 5.76 17.59 12.30
C TYR C 140 6.55 18.16 13.48
N PRO C 141 7.14 17.34 14.36
CA PRO C 141 7.19 15.86 14.38
C PRO C 141 5.89 15.23 14.84
N ARG C 142 5.86 13.89 14.84
CA ARG C 142 4.61 13.18 15.17
C ARG C 142 4.12 13.33 16.60
N GLU C 143 5.00 13.69 17.53
CA GLU C 143 4.65 13.81 18.94
C GLU C 143 3.73 14.97 19.16
N ALA C 144 2.53 14.67 19.63
CA ALA C 144 1.52 15.69 19.92
C ALA C 144 0.69 15.13 21.03
N LYS C 145 0.23 15.99 21.92
CA LYS C 145 -0.57 15.65 23.07
C LYS C 145 -1.93 16.26 22.89
N VAL C 146 -2.96 15.42 22.99
CA VAL C 146 -4.33 15.89 22.90
C VAL C 146 -4.98 15.59 24.23
N GLN C 147 -5.62 16.58 24.83
CA GLN C 147 -6.36 16.42 26.07
C GLN C 147 -7.77 16.84 25.87
N TRP C 148 -8.71 16.02 26.33
CA TRP C 148 -10.11 16.38 26.28
C TRP C 148 -10.52 16.94 27.63
N LYS C 149 -11.30 18.03 27.60
CA LYS C 149 -11.82 18.68 28.80
C LYS C 149 -13.31 18.87 28.62
N VAL C 150 -14.08 18.47 29.64
CA VAL C 150 -15.54 18.57 29.63
C VAL C 150 -15.90 19.36 30.87
N ASP C 151 -16.44 20.57 30.69
CA ASP C 151 -16.71 21.52 31.79
C ASP C 151 -15.45 21.69 32.67
N ASN C 152 -14.29 21.82 31.99
CA ASN C 152 -12.94 21.97 32.51
C ASN C 152 -12.40 20.72 33.25
N ALA C 153 -13.16 19.62 33.29
CA ALA C 153 -12.67 18.40 33.92
C ALA C 153 -11.88 17.60 32.89
N LEU C 154 -10.62 17.28 33.19
CA LEU C 154 -9.79 16.49 32.27
C LEU C 154 -10.40 15.10 32.13
N GLN C 155 -10.54 14.63 30.88
CA GLN C 155 -11.13 13.32 30.65
C GLN C 155 -10.08 12.26 30.51
N SER C 156 -10.46 11.01 30.81
N SER C 156 -10.47 11.01 30.80
CA SER C 156 -9.63 9.82 30.63
CA SER C 156 -9.65 9.82 30.62
C SER C 156 -10.51 8.61 30.42
C SER C 156 -10.57 8.64 30.37
N GLY C 157 -10.12 7.74 29.49
CA GLY C 157 -10.80 6.49 29.18
C GLY C 157 -11.97 6.52 28.22
N ASN C 158 -12.24 7.70 27.61
CA ASN C 158 -13.37 7.83 26.68
C ASN C 158 -12.96 8.41 25.33
N SER C 159 -11.66 8.32 24.98
CA SER C 159 -11.24 8.81 23.65
C SER C 159 -10.31 7.82 22.97
N GLN C 160 -10.23 7.91 21.66
CA GLN C 160 -9.29 7.10 20.85
C GLN C 160 -8.72 8.01 19.80
N GLU C 161 -7.47 7.78 19.44
CA GLU C 161 -6.88 8.59 18.39
C GLU C 161 -6.16 7.73 17.40
N SER C 162 -5.93 8.31 16.21
CA SER C 162 -5.18 7.64 15.18
C SER C 162 -4.41 8.69 14.40
N VAL C 163 -3.21 8.36 13.93
N VAL C 163 -3.23 8.35 13.91
CA VAL C 163 -2.32 9.28 13.18
CA VAL C 163 -2.35 9.24 13.17
C VAL C 163 -2.15 8.73 11.77
C VAL C 163 -2.22 8.72 11.74
N THR C 164 -2.06 9.62 10.77
CA THR C 164 -1.84 9.16 9.40
C THR C 164 -0.36 8.76 9.23
N GLU C 165 -0.09 8.08 8.11
CA GLU C 165 1.30 7.89 7.70
C GLU C 165 1.85 9.28 7.28
N GLN C 166 3.18 9.42 7.16
CA GLN C 166 3.76 10.69 6.69
C GLN C 166 3.23 10.99 5.27
N ASP C 167 2.94 12.28 5.04
CA ASP C 167 2.40 12.74 3.76
C ASP C 167 3.45 12.62 2.67
N SER C 168 3.03 12.15 1.50
N SER C 168 3.06 12.13 1.48
CA SER C 168 3.90 11.94 0.35
CA SER C 168 4.02 11.97 0.38
C SER C 168 4.44 13.23 -0.27
C SER C 168 4.52 13.28 -0.19
N LYS C 169 3.82 14.39 0.05
CA LYS C 169 4.26 15.68 -0.52
C LYS C 169 5.00 16.55 0.49
N ASP C 170 4.52 16.62 1.73
CA ASP C 170 5.12 17.52 2.72
C ASP C 170 5.65 16.82 3.95
N SER C 171 5.61 15.46 3.99
CA SER C 171 6.20 14.68 5.08
C SER C 171 5.57 14.98 6.45
N THR C 172 4.37 15.59 6.50
CA THR C 172 3.74 15.83 7.81
C THR C 172 2.80 14.70 8.19
N TYR C 173 2.26 14.78 9.42
CA TYR C 173 1.29 13.85 9.97
C TYR C 173 0.03 14.59 10.23
N SER C 174 -1.07 13.86 10.33
CA SER C 174 -2.32 14.39 10.81
C SER C 174 -2.85 13.44 11.86
N LEU C 175 -3.66 13.94 12.77
CA LEU C 175 -4.15 13.13 13.88
C LEU C 175 -5.59 13.40 14.11
N SER C 176 -6.41 12.33 14.35
N SER C 176 -6.36 12.37 14.44
CA SER C 176 -7.85 12.47 14.63
CA SER C 176 -7.73 12.60 14.81
C SER C 176 -8.15 11.84 15.98
C SER C 176 -7.90 11.98 16.16
N SER C 177 -8.71 12.61 16.97
CA SER C 177 -9.03 12.07 18.29
C SER C 177 -10.52 12.16 18.44
N THR C 178 -11.17 11.06 18.87
CA THR C 178 -12.62 11.09 19.04
C THR C 178 -12.94 10.83 20.48
N LEU C 179 -13.75 11.71 21.07
CA LEU C 179 -14.29 11.56 22.43
C LEU C 179 -15.69 10.98 22.25
N THR C 180 -15.98 9.83 22.85
CA THR C 180 -17.32 9.26 22.65
C THR C 180 -18.04 9.14 23.97
N LEU C 181 -19.26 9.69 24.03
CA LEU C 181 -20.09 9.66 25.22
C LEU C 181 -21.49 9.18 24.82
N SER C 182 -22.25 8.70 25.81
CA SER C 182 -23.65 8.37 25.53
C SER C 182 -24.37 9.73 25.33
N LYS C 183 -25.53 9.75 24.64
CA LYS C 183 -26.26 11.01 24.47
C LYS C 183 -26.62 11.62 25.84
N ALA C 184 -27.10 10.77 26.77
CA ALA C 184 -27.45 11.16 28.15
C ALA C 184 -26.29 11.89 28.84
N ASP C 185 -25.05 11.34 28.77
CA ASP C 185 -23.86 11.98 29.37
C ASP C 185 -23.50 13.26 28.65
N TYR C 186 -23.56 13.24 27.30
CA TYR C 186 -23.29 14.44 26.51
C TYR C 186 -24.22 15.60 26.90
N GLU C 187 -25.51 15.31 27.14
CA GLU C 187 -26.50 16.34 27.51
C GLU C 187 -26.33 16.89 28.94
N LYS C 188 -25.51 16.24 29.77
CA LYS C 188 -25.27 16.67 31.17
C LYS C 188 -24.22 17.78 31.26
N HIS C 189 -23.44 17.99 30.20
CA HIS C 189 -22.36 18.97 30.22
C HIS C 189 -22.50 20.02 29.16
N LYS C 190 -21.75 21.12 29.30
CA LYS C 190 -21.89 22.22 28.36
C LYS C 190 -20.65 22.46 27.51
N VAL C 191 -19.48 22.62 28.14
CA VAL C 191 -18.25 22.96 27.43
C VAL C 191 -17.44 21.73 27.04
N TYR C 192 -17.19 21.57 25.75
CA TYR C 192 -16.40 20.47 25.21
C TYR C 192 -15.15 21.05 24.59
N ALA C 193 -14.00 20.61 25.06
CA ALA C 193 -12.77 21.19 24.56
C ALA C 193 -11.67 20.18 24.29
N CYS C 194 -10.88 20.40 23.22
N CYS C 194 -10.89 20.48 23.28
CA CYS C 194 -9.69 19.57 23.00
CA CYS C 194 -9.74 19.70 22.89
C CYS C 194 -8.49 20.51 23.02
C CYS C 194 -8.53 20.63 23.08
N GLU C 195 -7.53 20.22 23.89
CA GLU C 195 -6.33 21.03 24.13
C GLU C 195 -5.16 20.33 23.50
N VAL C 196 -4.49 21.02 22.57
CA VAL C 196 -3.37 20.43 21.84
C VAL C 196 -2.03 21.04 22.21
N THR C 197 -1.05 20.16 22.52
CA THR C 197 0.32 20.61 22.77
C THR C 197 1.22 20.00 21.70
N HIS C 198 2.07 20.83 21.09
CA HIS C 198 2.99 20.40 20.04
C HIS C 198 4.16 21.36 19.99
N GLN C 199 5.35 20.86 19.66
CA GLN C 199 6.60 21.61 19.53
C GLN C 199 6.42 22.88 18.68
N GLY C 200 5.61 22.80 17.62
CA GLY C 200 5.42 23.91 16.69
C GLY C 200 4.55 25.05 17.20
N LEU C 201 3.81 24.80 18.31
CA LEU C 201 2.91 25.77 18.87
C LEU C 201 3.61 26.56 19.98
N SER C 202 3.48 27.89 19.97
CA SER C 202 4.08 28.72 21.02
C SER C 202 3.39 28.49 22.39
N SER C 203 2.12 28.07 22.36
CA SER C 203 1.32 27.74 23.53
C SER C 203 0.35 26.65 23.15
N PRO C 204 -0.15 25.87 24.12
CA PRO C 204 -1.23 24.90 23.79
C PRO C 204 -2.42 25.62 23.15
N VAL C 205 -3.04 24.97 22.14
CA VAL C 205 -4.20 25.50 21.43
C VAL C 205 -5.44 24.77 21.91
N THR C 206 -6.45 25.52 22.33
CA THR C 206 -7.71 24.91 22.76
C THR C 206 -8.78 25.25 21.74
N LYS C 207 -9.50 24.23 21.29
CA LYS C 207 -10.65 24.44 20.42
C LYS C 207 -11.80 23.95 21.28
N SER C 208 -12.81 24.76 21.44
CA SER C 208 -13.91 24.37 22.29
C SER C 208 -15.23 24.86 21.75
N PHE C 209 -16.31 24.26 22.21
CA PHE C 209 -17.66 24.67 21.84
C PHE C 209 -18.61 24.39 23.00
N ASN C 210 -19.74 25.10 23.03
CA ASN C 210 -20.79 24.92 24.01
C ASN C 210 -21.86 24.10 23.35
N ARG C 211 -22.28 22.98 23.99
CA ARG C 211 -23.32 22.10 23.45
C ARG C 211 -24.61 22.90 23.22
N GLY C 212 -25.24 22.64 22.07
CA GLY C 212 -26.49 23.27 21.66
C GLY C 212 -26.32 24.68 21.09
N GLU C 213 -25.09 25.03 20.71
CA GLU C 213 -24.76 26.34 20.15
C GLU C 213 -23.89 26.22 18.91
C1 GOL D . 13.02 -19.33 -11.58
O1 GOL D . 12.01 -19.89 -12.38
C2 GOL D . 13.97 -20.43 -11.14
O2 GOL D . 14.54 -21.03 -12.31
C3 GOL D . 15.05 -19.85 -10.27
O3 GOL D . 15.67 -18.74 -10.92
C1 GOL E . -10.12 8.34 15.53
C1 GOL E . -10.05 8.35 15.72
O1 GOL E . -10.98 7.24 15.83
O1 GOL E . -10.68 9.63 15.61
C2 GOL E . -9.65 8.33 14.10
C2 GOL E . -10.30 7.47 14.50
O2 GOL E . -10.69 8.68 13.19
O2 GOL E . -11.70 7.31 14.29
C3 GOL E . -8.99 7.05 13.64
C3 GOL E . -9.69 7.96 13.21
O3 GOL E . -9.92 6.04 13.29
O3 GOL E . -9.78 6.95 12.21
S SO4 F . -0.54 -27.29 -14.92
O1 SO4 F . -1.29 -27.57 -16.15
O2 SO4 F . -1.36 -27.69 -13.77
O3 SO4 F . 0.72 -28.06 -14.90
O4 SO4 F . -0.25 -25.87 -14.88
S SO4 G . 2.10 -1.09 -11.55
O1 SO4 G . 1.76 -1.63 -12.84
O2 SO4 G . 2.28 -2.14 -10.50
O3 SO4 G . 1.06 -0.12 -11.16
O4 SO4 G . 3.38 -0.35 -11.74
S SO4 H . 4.74 -4.10 -20.45
O1 SO4 H . 5.87 -4.29 -21.36
O2 SO4 H . 3.70 -5.15 -20.74
O3 SO4 H . 5.22 -4.17 -19.06
O4 SO4 H . 4.16 -2.78 -20.70
C1 GOL I . -2.27 10.28 4.23
O1 GOL I . -3.50 10.84 4.73
C2 GOL I . -1.59 11.18 3.23
O2 GOL I . -1.22 12.40 3.87
C3 GOL I . -0.36 10.50 2.66
O3 GOL I . 0.15 11.12 1.48
C1 GOL J . -26.50 16.22 10.73
O1 GOL J . -27.21 15.21 11.42
C2 GOL J . -27.19 17.56 10.87
O2 GOL J . -28.58 17.43 10.58
C3 GOL J . -27.01 18.21 12.24
O3 GOL J . -25.65 18.22 12.65
#